data_6T71
#
_entry.id   6T71
#
_cell.length_a   63.148
_cell.length_b   89.412
_cell.length_c   61.350
_cell.angle_alpha   90.000
_cell.angle_beta   96.730
_cell.angle_gamma   90.000
#
_symmetry.space_group_name_H-M   'C 1 2 1'
#
loop_
_entity.id
_entity.type
_entity.pdbx_description
1 polymer 'Genome polyprotein'
2 polymer 'Genome polyprotein'
3 non-polymer '2-(1-benzofuran-3-yl)ethanoic acid'
4 non-polymer 'DIMETHYL SULFOXIDE'
5 non-polymer 'PHOSPHATE ION'
6 water water
#
loop_
_entity_poly.entity_id
_entity_poly.type
_entity_poly.pdbx_seq_one_letter_code
_entity_poly.pdbx_strand_id
1 'polypeptide(L)'
;APPTLWSRVTKFGSGWGFWVSPTVFITTTHVIPTSAKEFFGEPLTSIAIHRAGEFTLFRFSKKIRPDLTGMILEEGCPEG
TVCSVLIKRDSGELLPLAVRMGAIASMRIQGRLVHGQSGMLLTGANAKGMDLGTIPGDCGAPYVYKRANDWVVCGVHAAA
TKSGNTVVCAVQ
;
A
2 'polypeptide(L)'
;PTLWSRVTKFGSGWGFWVSPTVFITTTHVIPTSAKEFFGEPLTSIAIHRAGEFTLFRFSKKIRPDLTGMILEEGCPEGTV
CSVLIKRDSGELLPLAVRMGAIASMRIQGRLVHGQSGMLLTGANAKGMDLGTIPGDCGAPYVYKRANDWVVCGVHAAATK
SGNTVVCAVQA
;
B
#
# COMPACT_ATOMS: atom_id res chain seq x y z
N ALA A 1 3.02 -8.34 -4.88
CA ALA A 1 2.34 -8.96 -6.05
C ALA A 1 3.40 -9.34 -7.07
N PRO A 2 3.17 -10.32 -7.95
CA PRO A 2 4.20 -10.81 -8.85
C PRO A 2 4.68 -9.75 -9.84
N PRO A 3 6.01 -9.72 -10.17
CA PRO A 3 6.49 -8.89 -11.26
C PRO A 3 5.75 -8.97 -12.59
N THR A 4 5.29 -10.15 -12.97
N THR A 4 5.38 -10.18 -13.01
CA THR A 4 4.57 -10.34 -14.26
CA THR A 4 4.59 -10.30 -14.26
C THR A 4 3.17 -9.72 -14.22
C THR A 4 3.37 -9.39 -14.15
N LEU A 5 2.60 -9.44 -13.05
CA LEU A 5 1.37 -8.61 -12.97
C LEU A 5 1.72 -7.11 -13.09
N TRP A 6 2.78 -6.67 -12.39
CA TRP A 6 3.16 -5.23 -12.48
C TRP A 6 3.55 -4.85 -13.92
N SER A 7 4.18 -5.80 -14.67
CA SER A 7 4.59 -5.54 -16.08
CA SER A 7 4.59 -5.59 -16.09
C SER A 7 3.39 -5.29 -17.00
N ARG A 8 2.18 -5.77 -16.62
CA ARG A 8 0.96 -5.63 -17.48
C ARG A 8 0.31 -4.26 -17.27
N VAL A 9 0.71 -3.53 -16.24
CA VAL A 9 0.11 -2.21 -15.88
C VAL A 9 0.87 -1.15 -16.71
N THR A 10 0.18 -0.49 -17.63
CA THR A 10 0.64 0.47 -18.70
C THR A 10 0.06 1.87 -18.54
N LYS A 11 0.93 2.88 -18.62
CA LYS A 11 0.45 4.28 -18.59
C LYS A 11 -0.42 4.55 -19.84
N PHE A 12 -1.59 5.17 -19.68
CA PHE A 12 -2.61 5.25 -20.77
C PHE A 12 -3.54 6.44 -20.53
N GLY A 13 -3.57 7.40 -21.46
CA GLY A 13 -4.40 8.61 -21.32
C GLY A 13 -4.12 9.32 -20.00
N SER A 14 -5.17 9.66 -19.23
CA SER A 14 -5.08 10.33 -17.91
C SER A 14 -4.93 9.34 -16.75
N GLY A 15 -4.66 8.05 -17.05
CA GLY A 15 -4.50 7.01 -16.02
C GLY A 15 -3.69 5.81 -16.51
N TRP A 16 -4.29 4.63 -16.45
CA TRP A 16 -3.62 3.33 -16.62
C TRP A 16 -4.53 2.39 -17.44
N GLY A 17 -3.94 1.34 -17.94
CA GLY A 17 -4.66 0.12 -18.44
C GLY A 17 -3.87 -1.13 -18.11
N PHE A 18 -4.40 -2.31 -18.45
CA PHE A 18 -3.87 -3.62 -18.03
C PHE A 18 -3.99 -4.63 -19.19
N TRP A 19 -2.85 -5.22 -19.56
CA TRP A 19 -2.79 -6.30 -20.58
C TRP A 19 -3.20 -7.65 -19.92
N VAL A 20 -4.39 -8.13 -20.28
CA VAL A 20 -4.89 -9.51 -19.96
C VAL A 20 -4.13 -10.58 -20.75
N SER A 21 -3.71 -10.25 -21.97
CA SER A 21 -3.02 -11.20 -22.90
C SER A 21 -2.27 -10.40 -23.96
N PRO A 22 -1.56 -11.06 -24.91
CA PRO A 22 -0.86 -10.29 -25.95
C PRO A 22 -1.72 -9.36 -26.81
N THR A 23 -3.00 -9.69 -26.96
CA THR A 23 -3.98 -8.95 -27.79
C THR A 23 -5.07 -8.21 -27.00
N VAL A 24 -5.20 -8.39 -25.67
CA VAL A 24 -6.37 -7.82 -24.93
C VAL A 24 -5.85 -6.86 -23.85
N PHE A 25 -6.33 -5.61 -23.93
CA PHE A 25 -6.01 -4.47 -23.02
C PHE A 25 -7.31 -3.93 -22.44
N ILE A 26 -7.40 -3.81 -21.12
CA ILE A 26 -8.62 -3.25 -20.46
C ILE A 26 -8.27 -1.93 -19.77
N THR A 27 -9.27 -1.05 -19.63
CA THR A 27 -9.07 0.28 -18.96
C THR A 27 -10.42 0.87 -18.55
N THR A 28 -10.35 2.00 -17.86
CA THR A 28 -11.50 2.81 -17.42
C THR A 28 -11.85 3.78 -18.57
N THR A 29 -13.10 3.81 -19.00
CA THR A 29 -13.58 4.54 -20.21
C THR A 29 -13.18 6.01 -20.15
N HIS A 30 -13.35 6.68 -19.00
CA HIS A 30 -13.11 8.14 -18.95
C HIS A 30 -11.60 8.48 -19.05
N VAL A 31 -10.64 7.55 -18.93
CA VAL A 31 -9.19 7.90 -19.07
C VAL A 31 -8.76 7.90 -20.55
N ILE A 32 -9.57 7.39 -21.47
CA ILE A 32 -9.21 7.23 -22.92
C ILE A 32 -9.18 8.61 -23.57
N PRO A 33 -8.10 8.98 -24.30
CA PRO A 33 -8.11 10.25 -25.02
C PRO A 33 -9.19 10.26 -26.13
N THR A 34 -10.12 11.22 -26.06
CA THR A 34 -11.44 11.17 -26.78
C THR A 34 -11.29 11.29 -28.32
N SER A 35 -10.36 12.11 -28.80
CA SER A 35 -10.08 12.29 -30.27
C SER A 35 -9.20 11.17 -30.87
N ALA A 36 -8.76 10.16 -30.10
CA ALA A 36 -7.69 9.23 -30.54
C ALA A 36 -8.19 8.30 -31.64
N LYS A 37 -7.38 8.06 -32.67
CA LYS A 37 -7.72 7.22 -33.86
C LYS A 37 -6.68 6.11 -34.05
N GLU A 38 -5.62 6.11 -33.23
CA GLU A 38 -4.50 5.14 -33.36
C GLU A 38 -4.04 4.72 -31.94
N PHE A 39 -3.83 3.43 -31.73
CA PHE A 39 -3.33 2.86 -30.45
C PHE A 39 -2.24 1.82 -30.75
N PHE A 40 -1.06 2.00 -30.14
CA PHE A 40 0.10 1.08 -30.29
C PHE A 40 0.39 0.91 -31.79
N GLY A 41 0.25 2.00 -32.58
CA GLY A 41 0.50 2.04 -34.02
C GLY A 41 -0.58 1.38 -34.89
N GLU A 42 -1.73 0.99 -34.33
CA GLU A 42 -2.85 0.32 -35.06
C GLU A 42 -4.02 1.28 -35.26
N PRO A 43 -4.63 1.36 -36.46
CA PRO A 43 -5.85 2.16 -36.66
C PRO A 43 -7.06 1.52 -35.94
N LEU A 44 -8.08 2.33 -35.62
CA LEU A 44 -9.37 1.87 -35.00
C LEU A 44 -9.99 0.70 -35.77
N THR A 45 -9.85 0.69 -37.10
CA THR A 45 -10.49 -0.31 -38.00
C THR A 45 -9.89 -1.70 -37.73
N SER A 46 -8.68 -1.78 -37.16
CA SER A 46 -8.02 -3.08 -36.85
C SER A 46 -8.16 -3.44 -35.35
N ILE A 47 -9.10 -2.80 -34.63
CA ILE A 47 -9.28 -3.03 -33.17
C ILE A 47 -10.77 -3.24 -32.88
N ALA A 48 -11.10 -4.29 -32.12
CA ALA A 48 -12.45 -4.56 -31.60
C ALA A 48 -12.57 -3.94 -30.19
N ILE A 49 -13.36 -2.88 -30.09
CA ILE A 49 -13.58 -2.09 -28.84
C ILE A 49 -14.95 -2.47 -28.29
N HIS A 50 -14.99 -2.95 -27.04
CA HIS A 50 -16.20 -3.37 -26.30
C HIS A 50 -16.34 -2.48 -25.07
N ARG A 51 -17.34 -1.61 -25.07
CA ARG A 51 -17.57 -0.59 -24.01
C ARG A 51 -18.81 -0.98 -23.19
N ALA A 52 -18.70 -1.03 -21.88
CA ALA A 52 -19.86 -1.14 -20.96
C ALA A 52 -19.69 -0.18 -19.77
N GLY A 53 -20.30 0.99 -19.90
CA GLY A 53 -20.15 2.08 -18.92
C GLY A 53 -18.68 2.46 -18.78
N GLU A 54 -18.13 2.30 -17.56
CA GLU A 54 -16.75 2.76 -17.25
C GLU A 54 -15.73 1.63 -17.52
N PHE A 55 -16.17 0.49 -18.02
CA PHE A 55 -15.27 -0.60 -18.46
C PHE A 55 -15.10 -0.57 -19.97
N THR A 56 -13.86 -0.53 -20.46
CA THR A 56 -13.57 -0.66 -21.93
C THR A 56 -12.52 -1.74 -22.17
N LEU A 57 -12.78 -2.67 -23.09
CA LEU A 57 -11.80 -3.72 -23.53
C LEU A 57 -11.43 -3.49 -25.01
N PHE A 58 -10.14 -3.47 -25.30
CA PHE A 58 -9.54 -3.36 -26.66
C PHE A 58 -9.04 -4.74 -27.06
N ARG A 59 -9.50 -5.30 -28.18
CA ARG A 59 -8.93 -6.57 -28.72
C ARG A 59 -8.25 -6.23 -30.04
N PHE A 60 -6.94 -6.41 -30.10
CA PHE A 60 -6.07 -6.07 -31.26
C PHE A 60 -5.99 -7.30 -32.17
N SER A 61 -5.80 -7.04 -33.47
N SER A 61 -5.85 -7.03 -33.47
CA SER A 61 -5.70 -8.11 -34.51
CA SER A 61 -5.69 -8.04 -34.54
C SER A 61 -4.23 -8.57 -34.66
C SER A 61 -4.27 -8.63 -34.49
N LYS A 62 -3.28 -7.83 -34.08
CA LYS A 62 -1.86 -8.27 -33.90
C LYS A 62 -1.44 -8.34 -32.42
N LYS A 63 -0.37 -9.12 -32.14
CA LYS A 63 0.19 -9.31 -30.77
C LYS A 63 1.02 -8.08 -30.40
N ILE A 64 0.46 -7.21 -29.59
CA ILE A 64 1.17 -5.99 -29.07
C ILE A 64 2.13 -6.40 -27.96
N ARG A 65 1.70 -7.29 -27.06
CA ARG A 65 2.53 -7.78 -25.90
C ARG A 65 2.78 -9.28 -25.98
N PRO A 66 3.60 -9.75 -26.96
CA PRO A 66 3.89 -11.17 -27.09
C PRO A 66 4.76 -11.77 -25.97
N ASP A 67 5.34 -10.94 -25.12
CA ASP A 67 6.03 -11.40 -23.90
C ASP A 67 5.05 -12.01 -22.89
N LEU A 68 3.74 -11.72 -22.97
CA LEU A 68 2.77 -12.12 -21.91
C LEU A 68 2.04 -13.43 -22.23
N THR A 69 1.64 -14.15 -21.18
CA THR A 69 0.66 -15.25 -21.23
C THR A 69 -0.75 -14.66 -21.03
N GLY A 70 -1.77 -15.17 -21.72
CA GLY A 70 -3.17 -14.86 -21.39
C GLY A 70 -3.51 -15.30 -19.95
N MET A 71 -4.23 -14.45 -19.19
CA MET A 71 -4.64 -14.85 -17.81
C MET A 71 -6.17 -14.75 -17.70
N ILE A 72 -6.75 -15.12 -16.54
CA ILE A 72 -8.23 -15.08 -16.33
C ILE A 72 -8.72 -13.66 -15.97
N LEU A 73 -9.71 -13.18 -16.74
CA LEU A 73 -10.56 -11.97 -16.52
C LEU A 73 -11.98 -12.42 -16.13
N GLU A 74 -12.39 -12.08 -14.92
CA GLU A 74 -13.77 -12.29 -14.45
C GLU A 74 -14.57 -11.01 -14.25
N GLU A 75 -15.90 -11.18 -14.15
CA GLU A 75 -16.91 -10.11 -14.00
C GLU A 75 -17.04 -9.83 -12.51
N GLY A 76 -16.11 -9.09 -11.92
CA GLY A 76 -16.11 -8.87 -10.47
C GLY A 76 -15.72 -10.12 -9.72
N CYS A 77 -15.88 -10.12 -8.39
CA CYS A 77 -15.52 -11.24 -7.49
C CYS A 77 -16.57 -11.40 -6.38
N PRO A 78 -16.53 -12.54 -5.63
CA PRO A 78 -17.44 -12.80 -4.54
C PRO A 78 -17.35 -11.67 -3.51
N GLU A 79 -18.48 -11.34 -2.89
CA GLU A 79 -18.46 -10.47 -1.71
C GLU A 79 -17.51 -11.06 -0.68
N GLY A 80 -16.78 -10.16 -0.03
CA GLY A 80 -15.81 -10.54 1.01
C GLY A 80 -14.41 -10.85 0.49
N THR A 81 -14.22 -10.97 -0.83
CA THR A 81 -12.88 -11.18 -1.42
C THR A 81 -11.99 -9.98 -1.05
N VAL A 82 -10.78 -10.25 -0.60
CA VAL A 82 -9.76 -9.18 -0.47
C VAL A 82 -8.96 -9.13 -1.78
N CYS A 83 -9.01 -7.98 -2.48
CA CYS A 83 -8.21 -7.72 -3.69
C CYS A 83 -7.04 -6.76 -3.37
N SER A 84 -6.07 -6.73 -4.29
CA SER A 84 -5.04 -5.66 -4.37
C SER A 84 -5.34 -4.78 -5.59
N VAL A 85 -5.33 -3.45 -5.42
CA VAL A 85 -5.37 -2.54 -6.58
C VAL A 85 -3.90 -2.19 -6.95
N LEU A 86 -3.46 -2.48 -8.18
CA LEU A 86 -2.00 -2.37 -8.55
C LEU A 86 -1.73 -0.95 -9.04
N ILE A 87 -1.35 -0.08 -8.11
CA ILE A 87 -1.17 1.38 -8.32
C ILE A 87 0.32 1.71 -8.44
N LYS A 88 0.70 2.40 -9.50
CA LYS A 88 2.10 2.84 -9.69
C LYS A 88 2.10 4.33 -9.30
N ARG A 89 3.12 4.79 -8.56
CA ARG A 89 3.25 6.22 -8.11
C ARG A 89 4.65 6.77 -8.39
N ASP A 90 4.74 8.10 -8.37
CA ASP A 90 5.92 8.87 -8.85
C ASP A 90 7.18 8.27 -8.21
N SER A 91 7.82 7.31 -8.92
CA SER A 91 9.26 7.00 -8.87
C SER A 91 9.56 5.50 -8.83
N GLY A 92 8.88 4.71 -9.62
CA GLY A 92 8.99 3.23 -9.49
C GLY A 92 8.56 2.77 -8.11
N GLU A 93 7.78 3.58 -7.37
CA GLU A 93 7.14 3.00 -6.16
C GLU A 93 5.86 2.34 -6.61
N LEU A 94 5.59 1.20 -6.01
CA LEU A 94 4.48 0.30 -6.32
C LEU A 94 3.59 0.17 -5.08
N LEU A 95 2.31 0.51 -5.21
CA LEU A 95 1.35 0.51 -4.07
C LEU A 95 0.22 -0.50 -4.32
N PRO A 96 0.35 -1.77 -3.88
CA PRO A 96 -0.73 -2.76 -3.98
C PRO A 96 -1.75 -2.58 -2.85
N LEU A 97 -2.70 -1.64 -3.02
CA LEU A 97 -3.61 -1.23 -1.93
C LEU A 97 -4.64 -2.35 -1.69
N ALA A 98 -4.74 -2.82 -0.47
CA ALA A 98 -5.69 -3.86 -0.02
C ALA A 98 -7.11 -3.28 0.09
N VAL A 99 -8.08 -4.01 -0.47
N VAL A 99 -8.09 -4.00 -0.46
CA VAL A 99 -9.52 -3.57 -0.51
CA VAL A 99 -9.51 -3.56 -0.50
C VAL A 99 -10.38 -4.81 -0.23
C VAL A 99 -10.42 -4.77 -0.28
N ARG A 100 -11.40 -4.64 0.63
CA ARG A 100 -12.42 -5.71 0.84
C ARG A 100 -13.61 -5.39 -0.08
N MET A 101 -13.96 -6.33 -0.95
CA MET A 101 -14.97 -6.08 -2.00
C MET A 101 -16.38 -6.39 -1.42
N GLY A 102 -17.36 -5.64 -1.91
CA GLY A 102 -18.78 -5.71 -1.53
C GLY A 102 -19.69 -5.89 -2.72
N ALA A 103 -20.92 -5.40 -2.62
CA ALA A 103 -21.94 -5.60 -3.66
C ALA A 103 -21.68 -4.71 -4.87
N ILE A 104 -22.22 -5.12 -6.02
CA ILE A 104 -22.48 -4.25 -7.20
C ILE A 104 -23.38 -3.08 -6.73
N ALA A 105 -23.02 -1.87 -7.04
CA ALA A 105 -23.65 -0.62 -6.55
C ALA A 105 -23.77 0.43 -7.65
N SER A 106 -24.78 1.27 -7.53
CA SER A 106 -24.94 2.54 -8.26
C SER A 106 -24.90 3.70 -7.23
N MET A 107 -24.01 4.66 -7.45
CA MET A 107 -23.66 5.75 -6.51
C MET A 107 -23.54 7.06 -7.31
N ARG A 108 -23.61 8.18 -6.62
CA ARG A 108 -23.28 9.51 -7.15
C ARG A 108 -22.04 9.99 -6.40
N ILE A 109 -20.98 10.28 -7.17
CA ILE A 109 -19.62 10.70 -6.72
C ILE A 109 -19.19 11.99 -7.42
N GLN A 110 -18.99 13.05 -6.63
CA GLN A 110 -18.58 14.37 -7.16
C GLN A 110 -19.58 14.71 -8.28
N GLY A 111 -20.88 14.45 -8.08
CA GLY A 111 -21.93 14.77 -9.07
C GLY A 111 -22.12 13.71 -10.15
N ARG A 112 -21.11 12.92 -10.52
CA ARG A 112 -21.32 11.95 -11.63
C ARG A 112 -21.86 10.59 -11.14
N LEU A 113 -22.59 9.91 -12.02
CA LEU A 113 -23.26 8.63 -11.70
C LEU A 113 -22.30 7.51 -12.08
N VAL A 114 -22.02 6.66 -11.09
N VAL A 114 -21.95 6.66 -11.11
CA VAL A 114 -21.03 5.56 -11.18
CA VAL A 114 -20.99 5.55 -11.33
C VAL A 114 -21.69 4.20 -10.86
C VAL A 114 -21.60 4.22 -10.86
N HIS A 115 -21.35 3.17 -11.65
CA HIS A 115 -21.86 1.79 -11.47
C HIS A 115 -20.71 0.80 -11.54
N GLY A 116 -20.56 -0.01 -10.48
CA GLY A 116 -19.58 -1.12 -10.49
C GLY A 116 -19.55 -1.90 -9.20
N GLN A 117 -18.48 -2.66 -8.95
CA GLN A 117 -18.35 -3.35 -7.65
C GLN A 117 -17.74 -2.40 -6.62
N SER A 118 -18.47 -2.17 -5.51
CA SER A 118 -18.01 -1.36 -4.39
C SER A 118 -16.98 -2.16 -3.56
N GLY A 119 -16.08 -1.44 -2.90
CA GLY A 119 -15.21 -2.02 -1.90
C GLY A 119 -14.71 -0.97 -0.91
N MET A 120 -14.10 -1.41 0.17
CA MET A 120 -13.66 -0.48 1.25
C MET A 120 -12.15 -0.76 1.46
N LEU A 121 -11.36 0.31 1.51
CA LEU A 121 -9.88 0.17 1.73
C LEU A 121 -9.57 -0.45 3.08
N LEU A 122 -8.53 -1.29 3.10
CA LEU A 122 -7.99 -1.94 4.32
C LEU A 122 -6.58 -1.38 4.65
N THR A 123 -6.32 -0.13 4.31
CA THR A 123 -4.99 0.51 4.44
C THR A 123 -4.92 1.37 5.73
N GLY A 124 -6.04 1.73 6.30
CA GLY A 124 -6.11 2.63 7.46
C GLY A 124 -7.47 3.27 7.55
N ALA A 125 -7.64 4.18 8.50
CA ALA A 125 -8.88 4.94 8.71
C ALA A 125 -8.70 6.28 8.00
N ASN A 126 -9.79 6.90 7.51
CA ASN A 126 -9.70 8.29 7.00
C ASN A 126 -8.63 8.37 5.91
N ALA A 127 -8.65 7.43 4.94
CA ALA A 127 -7.60 7.14 3.93
C ALA A 127 -7.54 8.21 2.82
N LYS A 128 -8.14 9.39 3.04
CA LYS A 128 -8.18 10.49 2.05
C LYS A 128 -6.73 10.81 1.69
N GLY A 129 -6.40 10.97 0.43
CA GLY A 129 -5.01 11.38 0.15
C GLY A 129 -4.18 10.27 -0.44
N MET A 130 -3.02 10.69 -0.96
CA MET A 130 -2.09 9.82 -1.73
C MET A 130 -1.39 8.78 -0.83
N ASP A 131 -1.23 8.99 0.50
CA ASP A 131 -0.35 8.11 1.32
C ASP A 131 -1.04 6.75 1.57
N LEU A 132 -2.34 6.76 1.91
CA LEU A 132 -3.10 5.55 2.27
C LEU A 132 -4.22 5.23 1.26
N GLY A 133 -4.51 6.14 0.33
CA GLY A 133 -5.71 6.01 -0.54
C GLY A 133 -5.43 6.28 -2.01
N THR A 134 -6.48 6.43 -2.80
CA THR A 134 -6.42 6.65 -4.26
C THR A 134 -6.49 8.15 -4.60
N ILE A 135 -5.98 8.47 -5.78
CA ILE A 135 -5.98 9.83 -6.42
C ILE A 135 -6.53 9.65 -7.84
N PRO A 136 -7.04 10.71 -8.50
CA PRO A 136 -7.64 10.60 -9.84
C PRO A 136 -6.75 9.91 -10.89
N GLY A 137 -5.43 10.07 -10.78
CA GLY A 137 -4.42 9.51 -11.73
C GLY A 137 -4.33 7.99 -11.62
N ASP A 138 -5.04 7.41 -10.65
CA ASP A 138 -5.00 5.93 -10.44
C ASP A 138 -6.05 5.22 -11.30
N CYS A 139 -6.94 5.95 -11.95
CA CYS A 139 -8.05 5.32 -12.69
C CYS A 139 -7.49 4.45 -13.81
N GLY A 140 -8.05 3.25 -13.93
CA GLY A 140 -7.63 2.19 -14.85
C GLY A 140 -6.76 1.11 -14.22
N ALA A 141 -6.23 1.34 -13.02
CA ALA A 141 -5.39 0.35 -12.32
C ALA A 141 -6.22 -0.92 -12.07
N PRO A 142 -5.63 -2.15 -12.20
CA PRO A 142 -6.39 -3.37 -12.03
C PRO A 142 -6.64 -3.78 -10.57
N TYR A 143 -7.81 -4.44 -10.38
CA TYR A 143 -8.17 -5.15 -9.13
C TYR A 143 -7.84 -6.63 -9.36
N VAL A 144 -6.95 -7.19 -8.54
CA VAL A 144 -6.45 -8.60 -8.68
C VAL A 144 -6.55 -9.35 -7.35
N TYR A 145 -6.65 -10.69 -7.43
CA TYR A 145 -6.56 -11.51 -6.21
C TYR A 145 -6.01 -12.88 -6.58
N LYS A 146 -5.48 -13.55 -5.57
CA LYS A 146 -4.89 -14.91 -5.70
C LYS A 146 -5.95 -15.97 -5.33
N ARG A 147 -6.27 -16.87 -6.27
CA ARG A 147 -7.33 -17.91 -6.08
C ARG A 147 -6.67 -19.27 -6.23
N ALA A 148 -6.40 -19.95 -5.11
CA ALA A 148 -5.58 -21.19 -5.08
C ALA A 148 -4.26 -20.84 -5.76
N ASN A 149 -3.87 -21.55 -6.83
CA ASN A 149 -2.48 -21.46 -7.37
C ASN A 149 -2.31 -20.29 -8.35
N ASP A 150 -3.39 -19.65 -8.83
CA ASP A 150 -3.24 -18.58 -9.85
C ASP A 150 -3.83 -17.23 -9.44
N TRP A 151 -3.57 -16.22 -10.25
CA TRP A 151 -4.10 -14.84 -10.04
C TRP A 151 -5.21 -14.57 -11.05
N VAL A 152 -6.20 -13.77 -10.62
CA VAL A 152 -7.39 -13.34 -11.40
C VAL A 152 -7.38 -11.80 -11.43
N VAL A 153 -7.81 -11.24 -12.56
CA VAL A 153 -8.15 -9.80 -12.70
C VAL A 153 -9.67 -9.70 -12.78
N CYS A 154 -10.26 -8.81 -11.99
CA CYS A 154 -11.73 -8.74 -11.91
C CYS A 154 -12.30 -7.33 -12.13
N GLY A 155 -11.50 -6.35 -12.52
CA GLY A 155 -12.00 -5.03 -12.95
C GLY A 155 -10.92 -3.97 -12.92
N VAL A 156 -11.33 -2.72 -13.14
CA VAL A 156 -10.38 -1.58 -13.22
C VAL A 156 -10.90 -0.41 -12.36
N HIS A 157 -10.00 0.37 -11.77
CA HIS A 157 -10.35 1.46 -10.80
C HIS A 157 -11.12 2.58 -11.50
N ALA A 158 -12.36 2.89 -11.04
CA ALA A 158 -13.22 3.87 -11.70
C ALA A 158 -13.43 5.13 -10.86
N ALA A 159 -13.53 5.00 -9.54
CA ALA A 159 -13.88 6.16 -8.66
C ALA A 159 -13.61 5.87 -7.20
N ALA A 160 -13.53 6.93 -6.41
CA ALA A 160 -13.48 6.85 -4.94
C ALA A 160 -14.31 7.99 -4.35
N THR A 161 -14.95 7.71 -3.19
CA THR A 161 -15.80 8.72 -2.52
C THR A 161 -14.91 9.84 -1.94
N LYS A 162 -15.56 10.97 -1.67
CA LYS A 162 -15.01 12.16 -0.98
C LYS A 162 -14.07 11.73 0.18
N SER A 163 -14.53 10.89 1.11
CA SER A 163 -13.77 10.45 2.34
C SER A 163 -12.62 9.54 1.92
N GLY A 164 -12.71 8.91 0.76
CA GLY A 164 -11.63 8.01 0.27
C GLY A 164 -11.81 6.57 0.72
N ASN A 165 -12.72 6.27 1.69
CA ASN A 165 -12.90 4.91 2.30
C ASN A 165 -13.50 3.92 1.27
N THR A 166 -14.45 4.36 0.46
CA THR A 166 -15.14 3.53 -0.55
C THR A 166 -14.51 3.73 -1.94
N VAL A 167 -14.25 2.63 -2.64
CA VAL A 167 -13.78 2.73 -4.06
C VAL A 167 -14.75 1.94 -4.95
N VAL A 168 -14.72 2.20 -6.25
CA VAL A 168 -15.55 1.42 -7.22
C VAL A 168 -14.67 0.86 -8.36
N CYS A 169 -14.77 -0.46 -8.58
CA CYS A 169 -14.16 -1.31 -9.63
C CYS A 169 -15.16 -1.40 -10.79
N ALA A 170 -14.90 -0.87 -11.99
CA ALA A 170 -15.73 -1.13 -13.20
C ALA A 170 -15.48 -2.56 -13.66
N VAL A 171 -16.55 -3.31 -14.02
CA VAL A 171 -16.51 -4.75 -14.35
C VAL A 171 -17.02 -4.99 -15.78
N GLN A 172 -16.55 -6.08 -16.36
CA GLN A 172 -16.97 -6.58 -17.69
C GLN A 172 -18.46 -6.97 -17.59
N PRO B 1 6.37 16.15 -1.12
CA PRO B 1 6.50 15.72 0.30
C PRO B 1 5.57 14.52 0.63
N THR B 2 6.09 13.45 1.25
CA THR B 2 5.28 12.24 1.58
C THR B 2 5.75 11.68 2.92
N LEU B 3 4.81 11.19 3.72
CA LEU B 3 5.12 10.29 4.83
C LEU B 3 6.10 9.21 4.40
N TRP B 4 5.92 8.63 3.19
CA TRP B 4 6.71 7.45 2.77
C TRP B 4 8.20 7.79 2.67
N SER B 5 8.54 9.04 2.34
CA SER B 5 9.97 9.43 2.18
C SER B 5 10.68 9.33 3.54
N ARG B 6 9.94 9.35 4.65
CA ARG B 6 10.54 9.27 6.01
C ARG B 6 10.94 7.82 6.37
N VAL B 7 10.37 6.81 5.72
CA VAL B 7 10.66 5.38 5.99
C VAL B 7 11.95 5.01 5.25
N THR B 8 12.98 4.60 5.99
CA THR B 8 14.41 4.52 5.53
C THR B 8 14.93 3.11 5.87
N LYS B 9 15.63 2.46 4.95
CA LYS B 9 16.25 1.16 5.22
C LYS B 9 17.34 1.38 6.27
N PHE B 10 17.43 0.48 7.24
CA PHE B 10 18.35 0.65 8.40
C PHE B 10 18.68 -0.70 9.05
N GLY B 11 19.97 -1.04 9.14
CA GLY B 11 20.35 -2.30 9.79
C GLY B 11 19.67 -3.47 9.11
N SER B 12 19.09 -4.39 9.90
CA SER B 12 18.38 -5.57 9.35
C SER B 12 16.89 -5.25 9.11
N GLY B 13 16.46 -4.00 9.30
CA GLY B 13 15.06 -3.58 9.01
C GLY B 13 14.97 -2.15 8.48
N TRP B 14 14.19 -1.33 9.17
CA TRP B 14 13.77 0.02 8.74
C TRP B 14 13.75 0.94 9.97
N GLY B 15 13.65 2.22 9.71
CA GLY B 15 13.31 3.27 10.69
C GLY B 15 12.54 4.44 10.08
N PHE B 16 12.32 5.50 10.84
CA PHE B 16 11.39 6.58 10.45
C PHE B 16 11.93 7.93 10.96
N TRP B 17 12.09 8.88 10.05
CA TRP B 17 12.42 10.30 10.38
C TRP B 17 11.19 11.03 10.95
N VAL B 18 11.21 11.31 12.25
CA VAL B 18 10.20 12.15 12.92
C VAL B 18 10.41 13.64 12.57
N SER B 19 11.66 14.07 12.43
CA SER B 19 12.06 15.48 12.16
C SER B 19 13.41 15.46 11.45
N PRO B 20 13.97 16.63 11.07
CA PRO B 20 15.32 16.64 10.47
C PRO B 20 16.45 16.01 11.32
N THR B 21 16.26 15.94 12.65
CA THR B 21 17.27 15.46 13.62
C THR B 21 16.86 14.18 14.36
N VAL B 22 15.60 13.72 14.27
CA VAL B 22 15.12 12.58 15.10
C VAL B 22 14.71 11.39 14.23
N PHE B 23 15.32 10.27 14.49
CA PHE B 23 15.11 8.95 13.80
C PHE B 23 14.70 7.89 14.85
N ILE B 24 13.60 7.17 14.60
CA ILE B 24 13.14 6.10 15.52
C ILE B 24 13.22 4.76 14.78
N THR B 25 13.52 3.69 15.53
CA THR B 25 13.65 2.32 14.99
C THR B 25 13.40 1.28 16.10
N THR B 26 13.40 0.02 15.68
CA THR B 26 13.26 -1.16 16.56
C THR B 26 14.66 -1.55 17.03
N THR B 27 14.83 -1.73 18.32
CA THR B 27 16.16 -1.90 18.93
C THR B 27 16.89 -3.08 18.27
N HIS B 28 16.19 -4.18 17.99
CA HIS B 28 16.91 -5.43 17.57
C HIS B 28 17.46 -5.33 16.13
N VAL B 29 17.04 -4.35 15.31
CA VAL B 29 17.53 -4.20 13.89
C VAL B 29 18.81 -3.35 13.86
N ILE B 30 19.17 -2.67 14.95
CA ILE B 30 20.33 -1.72 14.93
C ILE B 30 21.62 -2.51 14.82
N PRO B 31 22.57 -2.13 13.93
CA PRO B 31 23.88 -2.79 13.92
C PRO B 31 24.55 -2.75 15.31
N THR B 32 25.24 -3.83 15.69
CA THR B 32 25.99 -3.87 16.99
C THR B 32 27.47 -3.54 16.78
N SER B 33 27.91 -3.36 15.54
CA SER B 33 29.27 -2.85 15.22
CA SER B 33 29.27 -2.86 15.20
C SER B 33 29.12 -1.63 14.29
N ALA B 34 29.43 -0.44 14.78
CA ALA B 34 29.30 0.81 14.00
C ALA B 34 30.11 1.96 14.61
N LYS B 35 30.73 2.76 13.74
CA LYS B 35 31.40 4.03 14.14
C LYS B 35 30.60 5.24 13.69
N GLU B 36 29.66 5.09 12.75
CA GLU B 36 28.86 6.22 12.23
C GLU B 36 27.48 5.70 11.81
N PHE B 37 26.49 6.59 11.75
CA PHE B 37 25.18 6.36 11.05
C PHE B 37 24.85 7.60 10.23
N PHE B 38 24.43 7.41 8.97
CA PHE B 38 23.96 8.49 8.06
C PHE B 38 25.08 9.54 7.94
N GLY B 39 26.33 9.07 8.05
CA GLY B 39 27.53 9.92 7.88
C GLY B 39 27.92 10.70 9.13
N GLU B 40 27.16 10.62 10.21
CA GLU B 40 27.50 11.34 11.46
C GLU B 40 28.20 10.37 12.40
N PRO B 41 29.32 10.80 13.01
CA PRO B 41 30.02 9.92 13.94
C PRO B 41 29.12 9.62 15.16
N LEU B 42 29.16 8.37 15.62
CA LEU B 42 28.35 7.93 16.79
C LEU B 42 28.68 8.79 18.02
N THR B 43 29.92 9.29 18.14
CA THR B 43 30.34 10.34 19.10
C THR B 43 29.26 11.39 19.28
N SER B 44 28.63 11.85 18.19
CA SER B 44 27.74 13.04 18.16
C SER B 44 26.26 12.64 18.22
N ILE B 45 25.94 11.35 18.37
CA ILE B 45 24.54 10.85 18.35
C ILE B 45 24.13 10.49 19.78
N ALA B 46 23.02 11.05 20.23
CA ALA B 46 22.28 10.68 21.47
C ALA B 46 21.39 9.47 21.18
N ILE B 47 21.50 8.41 21.97
CA ILE B 47 20.72 7.16 21.82
C ILE B 47 19.90 6.96 23.10
N HIS B 48 18.55 6.92 22.97
CA HIS B 48 17.57 6.70 24.05
C HIS B 48 16.80 5.40 23.77
N ARG B 49 17.09 4.35 24.53
CA ARG B 49 16.51 3.00 24.31
C ARG B 49 15.55 2.73 25.46
N ALA B 50 14.37 2.22 25.16
CA ALA B 50 13.38 1.67 26.11
C ALA B 50 12.86 0.37 25.49
N GLY B 51 13.46 -0.75 25.89
CA GLY B 51 13.09 -2.07 25.36
C GLY B 51 13.30 -2.15 23.86
N GLU B 52 12.26 -2.49 23.08
CA GLU B 52 12.38 -2.64 21.62
C GLU B 52 12.16 -1.29 20.91
N PHE B 53 12.00 -0.16 21.62
CA PHE B 53 11.91 1.20 21.00
C PHE B 53 13.25 1.92 21.18
N THR B 54 13.86 2.43 20.08
CA THR B 54 15.08 3.28 20.17
C THR B 54 14.84 4.59 19.41
N LEU B 55 15.27 5.70 20.01
CA LEU B 55 15.27 7.04 19.37
C LEU B 55 16.73 7.52 19.28
N PHE B 56 17.12 7.96 18.12
CA PHE B 56 18.40 8.68 17.86
C PHE B 56 18.14 10.17 17.70
N ARG B 57 18.95 11.00 18.37
CA ARG B 57 18.94 12.47 18.16
CA ARG B 57 18.93 12.47 18.12
C ARG B 57 20.32 12.90 17.63
N PHE B 58 20.40 13.37 16.39
CA PHE B 58 21.63 13.81 15.67
C PHE B 58 21.93 15.26 16.04
N SER B 59 23.19 15.70 15.93
CA SER B 59 23.58 17.08 16.33
C SER B 59 23.52 18.01 15.13
N LYS B 60 23.32 17.48 13.93
CA LYS B 60 23.00 18.34 12.77
C LYS B 60 21.77 17.81 12.01
N LYS B 61 21.24 18.65 11.13
CA LYS B 61 20.06 18.32 10.30
C LYS B 61 20.49 17.32 9.22
N ILE B 62 20.05 16.08 9.34
CA ILE B 62 20.28 15.00 8.36
C ILE B 62 19.22 15.09 7.26
N ARG B 63 17.96 15.38 7.65
CA ARG B 63 16.83 15.47 6.69
C ARG B 63 16.21 16.85 6.77
N PRO B 64 16.90 17.91 6.25
CA PRO B 64 16.38 19.28 6.37
C PRO B 64 15.11 19.57 5.56
N ASP B 65 14.81 18.68 4.60
CA ASP B 65 13.61 18.74 3.73
C ASP B 65 12.34 18.46 4.55
N LEU B 66 12.42 17.90 5.76
CA LEU B 66 11.23 17.46 6.54
C LEU B 66 10.83 18.50 7.59
N THR B 67 9.53 18.60 7.90
CA THR B 67 8.98 19.23 9.12
C THR B 67 8.97 18.19 10.27
N GLY B 68 8.97 18.67 11.50
CA GLY B 68 8.79 17.80 12.70
C GLY B 68 7.34 17.37 12.86
N MET B 69 7.12 16.09 13.12
CA MET B 69 5.81 15.45 13.34
C MET B 69 5.57 15.23 14.83
N ILE B 70 4.30 14.99 15.18
CA ILE B 70 3.93 14.61 16.57
C ILE B 70 4.31 13.13 16.80
N LEU B 71 5.10 12.85 17.85
CA LEU B 71 5.44 11.47 18.32
C LEU B 71 4.77 11.30 19.69
N GLU B 72 3.92 10.28 19.83
CA GLU B 72 3.23 9.97 21.12
C GLU B 72 3.61 8.55 21.61
N GLU B 73 3.32 8.29 22.88
CA GLU B 73 3.62 7.01 23.59
CA GLU B 73 3.62 6.99 23.55
C GLU B 73 2.44 6.04 23.33
N GLY B 74 2.38 5.41 22.16
CA GLY B 74 1.22 4.59 21.76
C GLY B 74 0.00 5.44 21.51
N CYS B 75 -1.18 4.82 21.44
CA CYS B 75 -2.44 5.51 21.04
C CYS B 75 -3.61 4.91 21.84
N PRO B 76 -4.80 5.58 21.87
CA PRO B 76 -5.96 5.03 22.60
C PRO B 76 -6.33 3.65 22.06
N GLU B 77 -6.81 2.79 22.95
CA GLU B 77 -7.35 1.50 22.51
C GLU B 77 -8.44 1.77 21.50
N GLY B 78 -8.46 0.96 20.45
CA GLY B 78 -9.46 1.06 19.38
C GLY B 78 -9.03 1.91 18.20
N THR B 79 -7.94 2.66 18.31
CA THR B 79 -7.43 3.47 17.17
C THR B 79 -7.08 2.50 16.06
N VAL B 80 -7.46 2.81 14.81
CA VAL B 80 -6.96 2.05 13.64
C VAL B 80 -5.73 2.78 13.08
N CYS B 81 -4.57 2.19 13.34
CA CYS B 81 -3.28 2.68 12.79
C CYS B 81 -3.05 2.11 11.40
N SER B 82 -2.07 2.72 10.71
CA SER B 82 -1.47 2.11 9.50
C SER B 82 -0.02 1.77 9.84
N VAL B 83 0.44 0.56 9.52
CA VAL B 83 1.88 0.25 9.56
C VAL B 83 2.44 0.48 8.14
N LEU B 84 3.43 1.38 8.01
CA LEU B 84 3.99 1.80 6.69
C LEU B 84 5.15 0.90 6.32
N ILE B 85 4.84 -0.23 5.68
CA ILE B 85 5.83 -1.27 5.31
C ILE B 85 6.43 -0.90 3.94
N LYS B 86 7.76 -0.88 3.86
CA LYS B 86 8.50 -0.86 2.57
C LYS B 86 9.12 -2.26 2.35
N ARG B 87 9.16 -2.70 1.09
CA ARG B 87 9.83 -3.96 0.67
C ARG B 87 10.94 -3.62 -0.35
N ASP B 88 11.98 -4.43 -0.40
CA ASP B 88 13.12 -4.21 -1.36
C ASP B 88 12.70 -4.36 -2.83
N SER B 89 11.48 -4.81 -3.15
CA SER B 89 10.88 -4.71 -4.53
C SER B 89 10.57 -3.26 -4.96
N GLY B 90 10.51 -2.32 -4.04
CA GLY B 90 9.92 -1.01 -4.35
C GLY B 90 8.43 -0.98 -4.01
N GLU B 91 7.89 -2.05 -3.44
CA GLU B 91 6.48 -2.04 -2.95
C GLU B 91 6.34 -1.30 -1.64
N LEU B 92 5.24 -0.57 -1.56
CA LEU B 92 4.78 0.16 -0.35
C LEU B 92 3.46 -0.48 0.15
N LEU B 93 3.39 -0.95 1.40
CA LEU B 93 2.24 -1.79 1.87
C LEU B 93 1.69 -1.20 3.16
N PRO B 94 0.76 -0.21 3.07
CA PRO B 94 0.14 0.33 4.28
C PRO B 94 -0.97 -0.65 4.70
N LEU B 95 -0.86 -1.20 5.89
CA LEU B 95 -1.80 -2.21 6.44
C LEU B 95 -2.52 -1.63 7.67
N ALA B 96 -3.85 -1.68 7.66
CA ALA B 96 -4.67 -1.30 8.84
C ALA B 96 -4.50 -2.29 10.00
N VAL B 97 -4.29 -1.75 11.18
CA VAL B 97 -4.13 -2.49 12.46
C VAL B 97 -5.02 -1.89 13.54
N ARG B 98 -5.89 -2.72 14.18
CA ARG B 98 -6.69 -2.25 15.34
C ARG B 98 -5.85 -2.35 16.60
N MET B 99 -5.62 -1.23 17.28
CA MET B 99 -4.69 -1.20 18.42
C MET B 99 -5.45 -1.54 19.72
N GLY B 100 -4.82 -2.29 20.58
CA GLY B 100 -5.36 -2.72 21.87
C GLY B 100 -4.50 -2.29 23.03
N ALA B 101 -4.36 -3.16 24.02
CA ALA B 101 -3.73 -2.85 25.30
C ALA B 101 -2.21 -2.86 25.18
N ILE B 102 -1.57 -2.14 26.07
CA ILE B 102 -0.13 -2.35 26.39
C ILE B 102 -0.03 -3.67 27.15
N ALA B 103 0.94 -4.52 26.81
CA ALA B 103 1.00 -5.88 27.36
C ALA B 103 2.38 -6.47 27.11
N SER B 104 2.72 -7.51 27.84
N SER B 104 2.68 -7.54 27.84
CA SER B 104 3.85 -8.40 27.48
CA SER B 104 3.81 -8.46 27.59
C SER B 104 3.26 -9.66 26.85
C SER B 104 3.25 -9.68 26.86
N MET B 105 3.64 -9.90 25.60
CA MET B 105 3.02 -10.96 24.80
C MET B 105 4.06 -12.01 24.49
N ARG B 106 3.62 -13.25 24.49
CA ARG B 106 4.36 -14.43 24.00
C ARG B 106 4.11 -14.51 22.50
N ILE B 107 5.15 -14.19 21.72
CA ILE B 107 5.12 -14.07 20.23
C ILE B 107 6.25 -14.99 19.76
N GLN B 108 5.91 -16.12 19.17
CA GLN B 108 6.85 -17.18 18.68
C GLN B 108 7.99 -17.49 19.66
N GLY B 109 7.64 -17.77 20.91
CA GLY B 109 8.62 -18.17 21.95
C GLY B 109 9.05 -17.05 22.89
N ARG B 110 9.07 -15.78 22.44
CA ARG B 110 9.74 -14.69 23.17
C ARG B 110 8.74 -13.70 23.77
N LEU B 111 9.15 -13.09 24.88
CA LEU B 111 8.35 -12.05 25.56
C LEU B 111 8.70 -10.71 24.91
N VAL B 112 7.67 -10.03 24.44
CA VAL B 112 7.84 -8.69 23.85
C VAL B 112 6.85 -7.76 24.53
N HIS B 113 7.34 -6.63 25.01
CA HIS B 113 6.52 -5.56 25.62
C HIS B 113 6.19 -4.46 24.62
N GLY B 114 4.92 -4.10 24.50
CA GLY B 114 4.50 -2.96 23.69
C GLY B 114 2.99 -2.88 23.56
N GLN B 115 2.51 -2.16 22.56
CA GLN B 115 1.06 -2.06 22.32
C GLN B 115 0.68 -3.18 21.36
N SER B 116 -0.24 -4.04 21.80
CA SER B 116 -0.77 -5.11 20.94
C SER B 116 -1.63 -4.48 19.85
N GLY B 117 -1.69 -5.16 18.74
CA GLY B 117 -2.60 -4.85 17.64
C GLY B 117 -3.06 -6.10 16.87
N MET B 118 -4.17 -6.01 16.14
CA MET B 118 -4.66 -7.09 15.25
C MET B 118 -4.74 -6.54 13.82
N LEU B 119 -4.10 -7.22 12.85
CA LEU B 119 -4.23 -6.83 11.43
C LEU B 119 -5.71 -6.92 11.01
N LEU B 120 -6.16 -6.01 10.16
CA LEU B 120 -7.57 -5.97 9.67
C LEU B 120 -7.67 -6.39 8.19
N THR B 121 -6.67 -7.11 7.68
CA THR B 121 -6.59 -7.48 6.23
C THR B 121 -7.18 -8.89 5.98
N GLY B 122 -7.67 -9.55 7.04
CA GLY B 122 -8.53 -10.73 6.91
C GLY B 122 -7.76 -12.04 6.93
N ALA B 123 -8.54 -13.13 6.87
CA ALA B 123 -8.19 -14.53 7.24
C ALA B 123 -6.70 -14.76 7.03
N ASN B 124 -6.24 -14.64 5.79
CA ASN B 124 -4.85 -15.01 5.43
C ASN B 124 -4.39 -14.13 4.27
N ALA B 125 -3.15 -13.63 4.36
CA ALA B 125 -2.41 -13.00 3.25
C ALA B 125 -2.27 -14.02 2.11
N LYS B 126 -1.83 -15.25 2.44
CA LYS B 126 -1.80 -16.43 1.52
C LYS B 126 -0.96 -16.10 0.29
N GLY B 127 0.18 -15.44 0.49
CA GLY B 127 1.07 -14.99 -0.61
C GLY B 127 0.47 -13.79 -1.34
N MET B 128 -0.50 -13.12 -0.72
CA MET B 128 -0.97 -11.76 -1.10
C MET B 128 -0.29 -10.75 -0.15
N ASP B 129 -0.19 -9.51 -0.60
CA ASP B 129 0.46 -8.41 0.18
C ASP B 129 -0.48 -7.96 1.28
N LEU B 130 -0.65 -8.78 2.32
CA LEU B 130 -1.69 -8.53 3.37
C LEU B 130 -1.13 -8.72 4.79
N GLY B 131 0.11 -9.14 4.94
CA GLY B 131 0.68 -9.36 6.29
C GLY B 131 2.13 -8.93 6.38
N THR B 132 2.70 -9.02 7.58
CA THR B 132 4.09 -8.62 7.84
C THR B 132 5.00 -9.83 7.69
N ILE B 133 6.29 -9.57 7.50
CA ILE B 133 7.40 -10.58 7.44
C ILE B 133 8.54 -10.07 8.33
N PRO B 134 9.49 -10.94 8.78
CA PRO B 134 10.53 -10.51 9.72
C PRO B 134 11.33 -9.27 9.29
N GLY B 135 11.61 -9.13 7.98
CA GLY B 135 12.35 -8.02 7.37
C GLY B 135 11.66 -6.67 7.57
N ASP B 136 10.37 -6.64 7.98
CA ASP B 136 9.62 -5.35 8.13
C ASP B 136 9.88 -4.66 9.48
N CYS B 137 10.66 -5.23 10.40
CA CYS B 137 10.76 -4.64 11.76
C CYS B 137 11.35 -3.22 11.64
N GLY B 138 10.82 -2.31 12.46
CA GLY B 138 11.15 -0.87 12.50
C GLY B 138 10.21 0.01 11.68
N ALA B 139 9.32 -0.56 10.88
CA ALA B 139 8.30 0.22 10.15
C ALA B 139 7.40 0.96 11.15
N PRO B 140 7.05 2.23 10.87
CA PRO B 140 6.29 3.03 11.85
C PRO B 140 4.78 2.73 11.86
N TYR B 141 4.15 2.92 13.00
CA TYR B 141 2.68 2.93 13.20
C TYR B 141 2.22 4.40 13.21
N VAL B 142 1.30 4.78 12.29
CA VAL B 142 0.80 6.16 12.15
C VAL B 142 -0.74 6.19 12.08
N TYR B 143 -1.31 7.34 12.43
CA TYR B 143 -2.75 7.60 12.18
C TYR B 143 -3.00 9.10 12.06
N LYS B 144 -4.03 9.44 11.29
CA LYS B 144 -4.47 10.84 11.11
C LYS B 144 -5.43 11.24 12.23
N ARG B 145 -5.19 12.41 12.82
CA ARG B 145 -5.96 12.95 13.94
C ARG B 145 -6.09 14.46 13.71
N ALA B 146 -7.33 14.91 13.54
CA ALA B 146 -7.63 16.27 13.04
C ALA B 146 -6.88 16.37 11.70
N ASN B 147 -5.93 17.30 11.58
CA ASN B 147 -5.20 17.62 10.34
C ASN B 147 -3.77 17.09 10.45
N ASP B 148 -3.46 16.36 11.52
CA ASP B 148 -2.05 15.98 11.76
C ASP B 148 -1.90 14.48 11.73
N TRP B 149 -0.81 14.04 11.12
CA TRP B 149 -0.27 12.68 11.24
C TRP B 149 0.36 12.57 12.61
N VAL B 150 0.07 11.46 13.29
CA VAL B 150 0.68 11.10 14.59
C VAL B 150 1.47 9.82 14.34
N VAL B 151 2.72 9.76 14.82
CA VAL B 151 3.47 8.49 14.85
C VAL B 151 3.43 8.00 16.30
N CYS B 152 3.13 6.73 16.52
CA CYS B 152 2.99 6.24 17.90
C CYS B 152 3.86 5.03 18.26
N GLY B 153 4.71 4.55 17.36
CA GLY B 153 5.69 3.48 17.66
C GLY B 153 6.23 2.81 16.39
N VAL B 154 6.90 1.69 16.59
CA VAL B 154 7.68 0.94 15.54
C VAL B 154 7.31 -0.55 15.61
N HIS B 155 7.34 -1.21 14.48
CA HIS B 155 7.01 -2.66 14.35
C HIS B 155 8.08 -3.53 15.01
N ALA B 156 7.74 -4.21 16.10
CA ALA B 156 8.69 -5.03 16.90
C ALA B 156 8.55 -6.54 16.66
N ALA B 157 7.35 -7.04 16.44
CA ALA B 157 7.11 -8.50 16.40
C ALA B 157 5.76 -8.83 15.76
N ALA B 158 5.62 -10.05 15.27
CA ALA B 158 4.34 -10.58 14.76
C ALA B 158 4.28 -12.08 14.93
N THR B 159 3.09 -12.59 15.17
CA THR B 159 2.89 -14.07 15.26
C THR B 159 2.98 -14.75 13.91
N LYS B 160 3.32 -16.04 13.92
CA LYS B 160 3.36 -16.93 12.74
C LYS B 160 2.04 -16.84 11.97
N SER B 161 0.94 -17.08 12.67
CA SER B 161 -0.45 -16.90 12.14
C SER B 161 -0.53 -15.57 11.40
N GLY B 162 0.18 -14.55 11.87
CA GLY B 162 0.23 -13.21 11.23
C GLY B 162 -0.62 -12.19 11.96
N ASN B 163 -1.76 -12.59 12.56
CA ASN B 163 -2.84 -11.64 12.97
C ASN B 163 -2.46 -10.73 14.16
N THR B 164 -1.72 -11.18 15.20
CA THR B 164 -1.25 -10.30 16.31
C THR B 164 0.13 -9.70 15.98
N VAL B 165 0.24 -8.40 16.17
CA VAL B 165 1.48 -7.60 16.04
C VAL B 165 1.76 -6.86 17.36
N VAL B 166 3.03 -6.50 17.53
CA VAL B 166 3.44 -5.64 18.65
C VAL B 166 4.13 -4.37 18.13
N CYS B 167 3.64 -3.24 18.56
CA CYS B 167 4.15 -1.85 18.31
C CYS B 167 4.98 -1.43 19.55
N ALA B 168 6.30 -1.32 19.46
CA ALA B 168 7.10 -0.82 20.58
C ALA B 168 6.91 0.69 20.68
N VAL B 169 6.77 1.17 21.91
CA VAL B 169 6.44 2.59 22.23
C VAL B 169 7.55 3.24 23.07
N GLN B 170 7.62 4.57 22.96
CA GLN B 170 8.49 5.43 23.79
C GLN B 170 8.15 5.22 25.27
N ALA B 171 9.17 5.30 26.13
CA ALA B 171 9.08 5.39 27.62
C ALA B 171 8.12 4.32 28.14
#